data_6ECV
#
_entry.id   6ECV
#
_cell.length_a   40.182
_cell.length_b   56.175
_cell.length_c   72.251
_cell.angle_alpha   86.310
_cell.angle_beta   84.890
_cell.angle_gamma   75.810
#
_symmetry.space_group_name_H-M   'P 1'
#
loop_
_entity.id
_entity.type
_entity.pdbx_description
1 polymer 'StiD protein'
2 non-polymer S-ADENOSYL-L-HOMOCYSTEINE
3 non-polymer 'CHLORIDE ION'
4 water water
#
_entity_poly.entity_id   1
_entity_poly.type   'polypeptide(L)'
_entity_poly.pdbx_seq_one_letter_code
;MHHHHHHSSGVDLGTENLYFQSNASAVDESYLTFGVLNEKQPGFSWLRVAYGLDPSEERMRLLLHSQRALRNVLLDSVDF
SRAKSVWDFGCGYASDIIALGERHSHLKLHGHTLSSEQAELGLRKIEARGLGGRVQVLRRDSSKDAPLESAYDVILGFEV
ATHIKEKRSLFQNLSSHLREGGFMLLADFIANSGSGVDVQDIASYNVTPSQWVELLSEHGLRLVECVDVSQEVANFLFDA
DFDANLTQLETSVGISAIEKRNYQAMRNFGAALERKILSYVLFIAQKDSHVRSTYLRHINQKWVEAPAPYAARELM
;
_entity_poly.pdbx_strand_id   B,A
#
loop_
_chem_comp.id
_chem_comp.type
_chem_comp.name
_chem_comp.formula
CL non-polymer 'CHLORIDE ION' 'Cl -1'
#
# COMPACT_ATOMS: atom_id res chain seq x y z
N VAL A 27 21.65 -26.92 19.20
CA VAL A 27 21.69 -25.76 18.31
C VAL A 27 20.26 -25.24 18.05
N ASP A 28 19.98 -24.01 18.49
CA ASP A 28 18.63 -23.48 18.38
C ASP A 28 18.21 -23.41 16.93
N GLU A 29 16.92 -23.67 16.68
CA GLU A 29 16.41 -23.63 15.31
C GLU A 29 16.69 -22.28 14.64
N SER A 30 16.80 -21.20 15.42
CA SER A 30 16.99 -19.89 14.82
C SER A 30 18.33 -19.80 14.09
N TYR A 31 19.36 -20.50 14.58
CA TYR A 31 20.65 -20.57 13.91
C TYR A 31 20.59 -21.29 12.57
N LEU A 32 19.53 -22.04 12.30
CA LEU A 32 19.41 -22.83 11.08
C LEU A 32 18.39 -22.26 10.10
N THR A 33 18.01 -20.99 10.26
CA THR A 33 17.10 -20.35 9.33
C THR A 33 17.88 -19.72 8.18
N PHE A 34 17.13 -19.28 7.16
CA PHE A 34 17.71 -18.51 6.08
C PHE A 34 18.15 -17.14 6.58
N GLY A 35 19.13 -16.55 5.89
CA GLY A 35 19.48 -15.16 6.08
C GLY A 35 19.70 -14.51 4.72
N VAL A 36 19.90 -13.19 4.73
CA VAL A 36 20.20 -12.44 3.51
C VAL A 36 21.65 -11.95 3.57
N LEU A 37 22.44 -12.30 2.56
CA LEU A 37 23.78 -11.76 2.37
C LEU A 37 23.79 -10.93 1.09
N ASN A 38 24.35 -9.72 1.15
CA ASN A 38 24.33 -8.88 -0.04
C ASN A 38 25.28 -9.40 -1.11
N GLU A 39 26.38 -10.03 -0.70
CA GLU A 39 27.31 -10.68 -1.61
C GLU A 39 27.69 -12.03 -1.04
N LYS A 40 28.02 -12.97 -1.92
CA LYS A 40 28.59 -14.24 -1.48
C LYS A 40 29.95 -13.97 -0.82
N GLN A 41 30.20 -14.65 0.30
CA GLN A 41 31.46 -14.50 1.01
C GLN A 41 32.32 -15.72 0.72
N PRO A 42 33.50 -15.54 0.13
CA PRO A 42 34.25 -16.70 -0.42
C PRO A 42 34.35 -17.93 0.48
N GLY A 43 34.67 -17.76 1.76
CA GLY A 43 34.87 -18.95 2.59
C GLY A 43 33.72 -19.29 3.51
N PHE A 44 32.54 -18.77 3.24
CA PHE A 44 31.42 -18.84 4.18
C PHE A 44 30.60 -20.11 3.95
N SER A 45 30.34 -20.86 5.01
CA SER A 45 29.45 -22.02 4.98
C SER A 45 28.44 -21.86 6.11
N TRP A 46 27.17 -21.58 5.77
CA TRP A 46 26.18 -21.37 6.82
C TRP A 46 26.12 -22.56 7.77
N LEU A 47 26.29 -23.77 7.24
CA LEU A 47 26.19 -24.96 8.07
C LEU A 47 27.36 -25.08 9.04
N ARG A 48 28.59 -24.89 8.55
CA ARG A 48 29.73 -24.96 9.47
C ARG A 48 29.64 -23.90 10.55
N VAL A 49 29.19 -22.69 10.19
CA VAL A 49 29.14 -21.60 11.16
C VAL A 49 28.04 -21.84 12.18
N ALA A 50 26.84 -22.24 11.72
CA ALA A 50 25.72 -22.48 12.62
C ALA A 50 26.02 -23.59 13.63
N TYR A 51 26.77 -24.61 13.24
CA TYR A 51 27.11 -25.70 14.13
C TYR A 51 28.41 -25.48 14.90
N GLY A 52 28.98 -24.28 14.83
CA GLY A 52 30.21 -24.00 15.55
C GLY A 52 31.42 -24.75 15.04
N LEU A 53 31.37 -25.30 13.83
CA LEU A 53 32.55 -25.97 13.28
C LEU A 53 33.56 -24.97 12.72
N ASP A 54 33.08 -23.82 12.27
CA ASP A 54 33.95 -22.71 11.87
C ASP A 54 34.17 -21.81 13.08
N PRO A 55 35.41 -21.60 13.53
CA PRO A 55 35.62 -20.82 14.76
C PRO A 55 35.61 -19.31 14.55
N SER A 56 35.41 -18.82 13.34
CA SER A 56 35.55 -17.40 13.06
C SER A 56 34.45 -16.61 13.76
N GLU A 57 34.86 -15.66 14.62
CA GLU A 57 33.88 -14.83 15.31
C GLU A 57 33.18 -13.89 14.33
N GLU A 58 33.89 -13.43 13.30
CA GLU A 58 33.25 -12.58 12.31
C GLU A 58 32.20 -13.35 11.52
N ARG A 59 32.51 -14.58 11.12
CA ARG A 59 31.53 -15.34 10.35
C ARG A 59 30.30 -15.65 11.20
N MET A 60 30.47 -15.88 12.50
CA MET A 60 29.31 -16.09 13.34
C MET A 60 28.45 -14.83 13.43
N ARG A 61 29.08 -13.67 13.66
CA ARG A 61 28.31 -12.43 13.70
C ARG A 61 27.64 -12.15 12.36
N LEU A 62 28.26 -12.58 11.26
CA LEU A 62 27.63 -12.41 9.96
C LEU A 62 26.43 -13.34 9.79
N LEU A 63 26.54 -14.58 10.26
CA LEU A 63 25.40 -15.49 10.21
C LEU A 63 24.23 -14.92 10.98
N LEU A 64 24.45 -14.53 12.24
CA LEU A 64 23.36 -14.01 13.07
C LEU A 64 22.79 -12.71 12.49
N HIS A 65 23.65 -11.83 11.97
CA HIS A 65 23.17 -10.57 11.40
C HIS A 65 22.31 -10.82 10.17
N SER A 66 22.76 -11.69 9.26
CA SER A 66 21.99 -11.97 8.06
C SER A 66 20.63 -12.56 8.39
N GLN A 67 20.54 -13.38 9.43
CA GLN A 67 19.27 -14.00 9.78
C GLN A 67 18.34 -12.99 10.43
N ARG A 68 18.89 -12.11 11.27
N ARG A 68 18.89 -12.12 11.29
CA ARG A 68 18.10 -11.04 11.85
CA ARG A 68 18.08 -11.05 11.85
C ARG A 68 17.62 -10.07 10.79
C ARG A 68 17.57 -10.12 10.75
N ALA A 69 18.44 -9.80 9.77
CA ALA A 69 18.05 -8.87 8.72
C ALA A 69 16.88 -9.41 7.91
N LEU A 70 16.83 -10.72 7.68
N LEU A 70 16.83 -10.72 7.69
CA LEU A 70 15.70 -11.27 6.95
CA LEU A 70 15.72 -11.31 6.97
C LEU A 70 14.42 -11.10 7.75
C LEU A 70 14.42 -11.15 7.74
N ARG A 71 14.44 -11.51 9.03
CA ARG A 71 13.27 -11.33 9.87
C ARG A 71 12.87 -9.86 9.95
N ASN A 72 13.85 -8.96 10.04
CA ASN A 72 13.54 -7.55 10.26
C ASN A 72 12.79 -6.93 9.09
N VAL A 73 12.96 -7.43 7.87
CA VAL A 73 12.20 -6.85 6.77
C VAL A 73 10.72 -6.92 7.09
N LEU A 74 10.27 -8.03 7.69
CA LEU A 74 8.86 -8.18 8.04
C LEU A 74 8.53 -7.47 9.35
N LEU A 75 9.32 -7.70 10.40
CA LEU A 75 8.94 -7.24 11.72
C LEU A 75 9.09 -5.72 11.86
N ASP A 76 10.00 -5.10 11.11
CA ASP A 76 10.14 -3.64 11.19
C ASP A 76 8.91 -2.89 10.69
N SER A 77 7.96 -3.56 10.02
CA SER A 77 6.78 -2.83 9.57
C SER A 77 5.79 -2.54 10.70
N VAL A 78 5.81 -3.33 11.77
CA VAL A 78 4.76 -3.34 12.78
C VAL A 78 5.22 -2.54 13.99
N ASP A 79 4.38 -1.60 14.44
CA ASP A 79 4.59 -0.95 15.75
C ASP A 79 4.05 -1.91 16.81
N PHE A 80 4.93 -2.74 17.39
CA PHE A 80 4.41 -3.72 18.34
C PHE A 80 3.95 -3.09 19.65
N SER A 81 4.31 -1.83 19.92
CA SER A 81 3.79 -1.15 21.10
C SER A 81 2.28 -0.90 21.01
N ARG A 82 1.72 -0.96 19.80
CA ARG A 82 0.29 -0.80 19.61
C ARG A 82 -0.38 -2.11 19.22
N ALA A 83 0.30 -3.23 19.42
CA ALA A 83 -0.27 -4.54 19.20
C ALA A 83 -0.45 -5.24 20.54
N LYS A 84 -1.40 -6.17 20.59
CA LYS A 84 -1.66 -6.96 21.78
C LYS A 84 -1.44 -8.45 21.57
N SER A 85 -1.74 -8.97 20.38
CA SER A 85 -1.70 -10.41 20.20
C SER A 85 -1.13 -10.75 18.83
N VAL A 86 -0.36 -11.83 18.81
CA VAL A 86 0.37 -12.32 17.65
C VAL A 86 0.10 -13.82 17.51
N TRP A 87 -0.16 -14.27 16.28
CA TRP A 87 -0.36 -15.68 15.95
C TRP A 87 0.69 -16.11 14.93
N ASP A 88 1.59 -17.00 15.34
CA ASP A 88 2.48 -17.67 14.39
C ASP A 88 1.83 -18.99 13.99
N PHE A 89 1.38 -19.10 12.74
CA PHE A 89 0.56 -20.26 12.39
C PHE A 89 1.36 -21.49 11.97
N GLY A 90 2.69 -21.44 12.04
CA GLY A 90 3.54 -22.62 11.87
C GLY A 90 4.85 -22.42 12.59
N CYS A 91 4.84 -22.58 13.92
CA CYS A 91 5.82 -21.89 14.75
C CYS A 91 7.08 -22.68 15.02
N GLY A 92 7.19 -23.93 14.55
CA GLY A 92 8.39 -24.71 14.82
C GLY A 92 8.63 -24.86 16.31
N TYR A 93 9.86 -24.63 16.75
CA TYR A 93 10.21 -24.70 18.16
C TYR A 93 10.04 -23.35 18.87
N ALA A 94 9.26 -22.44 18.28
CA ALA A 94 8.76 -21.21 18.90
C ALA A 94 9.82 -20.13 19.10
N SER A 95 10.98 -20.26 18.43
CA SER A 95 12.04 -19.25 18.58
C SER A 95 11.56 -17.85 18.22
N ASP A 96 10.76 -17.70 17.16
CA ASP A 96 10.35 -16.35 16.74
C ASP A 96 9.39 -15.71 17.74
N ILE A 97 8.41 -16.46 18.24
CA ILE A 97 7.50 -15.82 19.19
C ILE A 97 8.16 -15.65 20.55
N ILE A 98 9.08 -16.55 20.92
CA ILE A 98 9.84 -16.33 22.15
C ILE A 98 10.63 -15.03 22.05
N ALA A 99 11.28 -14.79 20.91
CA ALA A 99 12.08 -13.58 20.75
C ALA A 99 11.21 -12.34 20.84
N LEU A 100 10.06 -12.35 20.16
CA LEU A 100 9.14 -11.21 20.21
C LEU A 100 8.59 -11.00 21.61
N GLY A 101 8.25 -12.09 22.29
CA GLY A 101 7.74 -11.97 23.66
C GLY A 101 8.76 -11.44 24.63
N GLU A 102 10.03 -11.80 24.44
CA GLU A 102 11.09 -11.21 25.26
C GLU A 102 11.27 -9.73 24.96
N ARG A 103 11.08 -9.32 23.71
CA ARG A 103 11.30 -7.93 23.30
C ARG A 103 10.15 -7.03 23.73
N HIS A 104 8.92 -7.52 23.63
CA HIS A 104 7.71 -6.75 23.96
C HIS A 104 6.94 -7.48 25.07
N SER A 105 7.08 -6.99 26.30
CA SER A 105 6.60 -7.70 27.47
C SER A 105 5.08 -7.76 27.57
N HIS A 106 4.35 -6.95 26.81
CA HIS A 106 2.90 -6.89 26.92
C HIS A 106 2.19 -7.83 25.95
N LEU A 107 2.89 -8.41 24.99
CA LEU A 107 2.27 -9.20 23.94
C LEU A 107 1.85 -10.58 24.43
N LYS A 108 0.73 -11.06 23.90
CA LYS A 108 0.37 -12.47 23.96
C LYS A 108 0.71 -13.06 22.60
N LEU A 109 1.44 -14.18 22.60
CA LEU A 109 1.86 -14.79 21.34
C LEU A 109 1.43 -16.23 21.35
N HIS A 110 0.82 -16.66 20.25
CA HIS A 110 0.29 -18.02 20.14
C HIS A 110 0.89 -18.68 18.92
N GLY A 111 1.43 -19.87 19.09
CA GLY A 111 2.04 -20.61 18.00
C GLY A 111 1.28 -21.89 17.75
N HIS A 112 1.17 -22.27 16.49
CA HIS A 112 0.60 -23.55 16.09
C HIS A 112 1.67 -24.45 15.49
N THR A 113 1.58 -25.74 15.81
CA THR A 113 2.39 -26.79 15.21
C THR A 113 1.54 -28.04 15.07
N LEU A 114 1.87 -28.86 14.08
CA LEU A 114 1.21 -30.13 13.89
C LEU A 114 1.83 -31.25 14.72
N SER A 115 3.00 -31.01 15.32
CA SER A 115 3.74 -32.06 16.01
C SER A 115 3.49 -31.96 17.51
N SER A 116 2.90 -33.01 18.07
CA SER A 116 2.67 -33.08 19.52
C SER A 116 3.98 -32.92 20.29
N GLU A 117 5.04 -33.60 19.86
CA GLU A 117 6.31 -33.50 20.57
C GLU A 117 6.91 -32.11 20.42
N GLN A 118 6.83 -31.53 19.22
CA GLN A 118 7.39 -30.20 19.01
C GLN A 118 6.70 -29.16 19.87
N ALA A 119 5.39 -29.33 20.11
CA ALA A 119 4.70 -28.43 21.03
C ALA A 119 5.21 -28.61 22.46
N GLU A 120 5.59 -29.83 22.83
CA GLU A 120 6.13 -30.04 24.17
C GLU A 120 7.51 -29.41 24.31
N LEU A 121 8.34 -29.52 23.29
CA LEU A 121 9.65 -28.87 23.35
C LEU A 121 9.51 -27.36 23.41
N GLY A 122 8.51 -26.81 22.72
CA GLY A 122 8.30 -25.36 22.76
C GLY A 122 7.84 -24.89 24.13
N LEU A 123 6.95 -25.66 24.76
CA LEU A 123 6.56 -25.40 26.14
C LEU A 123 7.78 -25.34 27.05
N ARG A 124 8.69 -26.30 26.91
CA ARG A 124 9.87 -26.35 27.77
C ARG A 124 10.72 -25.09 27.62
N LYS A 125 10.95 -24.65 26.38
CA LYS A 125 11.70 -23.43 26.16
C LYS A 125 10.98 -22.24 26.77
N ILE A 126 9.66 -22.16 26.57
CA ILE A 126 8.88 -21.02 27.04
C ILE A 126 8.93 -20.93 28.57
N GLU A 127 8.70 -22.05 29.27
CA GLU A 127 8.74 -22.02 30.72
C GLU A 127 10.12 -21.62 31.23
N ALA A 128 11.17 -22.11 30.58
CA ALA A 128 12.54 -21.83 31.05
C ALA A 128 12.89 -20.35 30.95
N ARG A 129 12.12 -19.56 30.21
CA ARG A 129 12.37 -18.14 30.08
C ARG A 129 11.31 -17.29 30.79
N GLY A 130 10.48 -17.90 31.63
CA GLY A 130 9.46 -17.16 32.34
C GLY A 130 8.33 -16.62 31.49
N LEU A 131 8.18 -17.11 30.26
CA LEU A 131 7.20 -16.59 29.32
C LEU A 131 5.91 -17.39 29.31
N GLY A 132 5.74 -18.34 30.24
CA GLY A 132 4.61 -19.25 30.21
C GLY A 132 3.26 -18.59 30.37
N GLY A 133 3.22 -17.39 30.96
CA GLY A 133 1.94 -16.73 31.16
C GLY A 133 1.30 -16.23 29.87
N ARG A 134 2.10 -15.90 28.87
CA ARG A 134 1.55 -15.24 27.69
C ARG A 134 2.05 -15.76 26.36
N VAL A 135 3.01 -16.68 26.34
CA VAL A 135 3.46 -17.33 25.11
C VAL A 135 3.05 -18.79 25.18
N GLN A 136 2.28 -19.24 24.19
CA GLN A 136 1.79 -20.62 24.13
C GLN A 136 2.10 -21.22 22.76
N VAL A 137 2.26 -22.54 22.75
CA VAL A 137 2.28 -23.33 21.52
C VAL A 137 1.17 -24.37 21.62
N LEU A 138 0.31 -24.43 20.60
N LEU A 138 0.30 -24.41 20.62
CA LEU A 138 -0.83 -25.34 20.59
CA LEU A 138 -0.81 -25.35 20.57
C LEU A 138 -0.73 -26.28 19.39
C LEU A 138 -0.59 -26.33 19.43
N ARG A 139 -1.11 -27.54 19.61
CA ARG A 139 -1.10 -28.56 18.56
C ARG A 139 -2.39 -28.39 17.77
N ARG A 140 -2.34 -27.52 16.76
CA ARG A 140 -3.52 -27.19 15.97
C ARG A 140 -3.12 -27.07 14.51
N ASP A 141 -3.98 -27.56 13.63
CA ASP A 141 -3.78 -27.50 12.19
C ASP A 141 -4.35 -26.18 11.65
N SER A 142 -3.47 -25.27 11.24
CA SER A 142 -3.88 -23.93 10.87
C SER A 142 -4.69 -23.88 9.58
N SER A 143 -4.69 -24.97 8.81
CA SER A 143 -5.52 -24.98 7.62
C SER A 143 -6.99 -25.15 7.96
N LYS A 144 -7.30 -25.55 9.20
CA LYS A 144 -8.69 -25.90 9.50
C LYS A 144 -9.09 -25.72 10.96
N ASP A 145 -8.13 -25.52 11.88
CA ASP A 145 -8.45 -25.34 13.29
C ASP A 145 -8.35 -23.86 13.65
N ALA A 146 -9.41 -23.30 14.20
CA ALA A 146 -9.39 -21.92 14.67
C ALA A 146 -8.34 -21.74 15.77
N PRO A 147 -7.70 -20.58 15.84
CA PRO A 147 -6.74 -20.29 16.91
C PRO A 147 -7.46 -19.84 18.17
N LEU A 148 -6.73 -19.36 19.18
CA LEU A 148 -7.36 -19.00 20.46
C LEU A 148 -8.13 -17.69 20.38
N GLU A 149 -7.59 -16.70 19.68
CA GLU A 149 -8.16 -15.35 19.72
C GLU A 149 -9.06 -15.10 18.51
N SER A 150 -10.05 -14.24 18.70
CA SER A 150 -10.97 -13.92 17.61
C SER A 150 -10.34 -12.99 16.58
N ALA A 151 -9.37 -12.16 16.99
CA ALA A 151 -8.84 -11.14 16.07
C ALA A 151 -7.42 -10.78 16.51
N TYR A 152 -6.44 -11.38 15.85
CA TYR A 152 -5.05 -11.07 16.16
C TYR A 152 -4.65 -9.75 15.52
N ASP A 153 -3.67 -9.08 16.14
CA ASP A 153 -3.10 -7.88 15.53
C ASP A 153 -2.09 -8.22 14.44
N VAL A 154 -1.38 -9.32 14.60
CA VAL A 154 -0.31 -9.73 13.69
C VAL A 154 -0.38 -11.23 13.50
N ILE A 155 -0.31 -11.69 12.26
CA ILE A 155 -0.15 -13.10 11.95
C ILE A 155 1.18 -13.25 11.22
N LEU A 156 1.98 -14.21 11.67
CA LEU A 156 3.30 -14.50 11.13
C LEU A 156 3.30 -15.87 10.48
N GLY A 157 3.91 -15.97 9.29
CA GLY A 157 4.15 -17.27 8.70
C GLY A 157 5.45 -17.33 7.91
N PHE A 158 6.46 -17.93 8.50
CA PHE A 158 7.77 -18.11 7.87
C PHE A 158 7.82 -19.47 7.17
N GLU A 159 7.63 -19.46 5.84
CA GLU A 159 7.73 -20.67 5.03
C GLU A 159 6.77 -21.76 5.51
N VAL A 160 5.53 -21.39 5.82
CA VAL A 160 4.49 -22.34 6.25
C VAL A 160 3.46 -22.57 5.16
N ALA A 161 2.99 -21.49 4.53
CA ALA A 161 1.89 -21.63 3.57
C ALA A 161 2.26 -22.59 2.43
N THR A 162 3.51 -22.61 2.00
CA THR A 162 3.88 -23.54 0.92
C THR A 162 3.85 -25.00 1.35
N HIS A 163 3.90 -25.29 2.64
CA HIS A 163 3.80 -26.67 3.11
C HIS A 163 2.36 -27.09 3.37
N ILE A 164 1.38 -26.26 3.03
CA ILE A 164 -0.02 -26.52 3.33
C ILE A 164 -0.77 -26.67 2.01
N LYS A 165 -1.44 -27.81 1.85
CA LYS A 165 -2.10 -28.14 0.59
C LYS A 165 -3.37 -27.32 0.39
N GLU A 166 -4.23 -27.22 1.42
CA GLU A 166 -5.54 -26.55 1.31
C GLU A 166 -5.38 -25.05 1.57
N LYS A 167 -4.90 -24.34 0.55
CA LYS A 167 -4.49 -22.95 0.75
C LYS A 167 -5.67 -22.02 0.99
N ARG A 168 -6.81 -22.27 0.33
CA ARG A 168 -7.95 -21.38 0.55
C ARG A 168 -8.55 -21.59 1.93
N SER A 169 -8.60 -22.85 2.38
CA SER A 169 -9.02 -23.13 3.75
C SER A 169 -8.10 -22.43 4.74
N LEU A 170 -6.78 -22.49 4.50
CA LEU A 170 -5.83 -21.77 5.34
C LEU A 170 -6.09 -20.26 5.36
N PHE A 171 -6.14 -19.64 4.17
CA PHE A 171 -6.25 -18.18 4.18
C PHE A 171 -7.61 -17.70 4.69
N GLN A 172 -8.65 -18.53 4.55
CA GLN A 172 -9.91 -18.23 5.20
C GLN A 172 -9.74 -18.20 6.73
N ASN A 173 -9.08 -19.21 7.27
CA ASN A 173 -8.85 -19.30 8.72
C ASN A 173 -7.96 -18.17 9.21
N LEU A 174 -6.91 -17.83 8.45
CA LEU A 174 -6.04 -16.73 8.85
C LEU A 174 -6.78 -15.40 8.81
N SER A 175 -7.43 -15.09 7.68
N SER A 175 -7.40 -15.08 7.68
CA SER A 175 -8.09 -13.79 7.52
CA SER A 175 -8.03 -13.77 7.52
C SER A 175 -9.31 -13.65 8.40
C SER A 175 -9.15 -13.57 8.53
N SER A 176 -9.96 -14.76 8.76
N SER A 176 -9.96 -14.61 8.75
CA SER A 176 -11.10 -14.65 9.66
CA SER A 176 -11.10 -14.47 9.63
C SER A 176 -10.69 -14.25 11.06
C SER A 176 -10.72 -14.33 11.10
N HIS A 177 -9.45 -14.53 11.45
CA HIS A 177 -8.96 -14.30 12.80
C HIS A 177 -7.93 -13.18 12.85
N LEU A 178 -7.96 -12.29 11.86
CA LEU A 178 -7.08 -11.13 11.78
C LEU A 178 -7.93 -9.88 12.00
N ARG A 179 -7.50 -9.03 12.94
CA ARG A 179 -8.13 -7.73 13.14
C ARG A 179 -8.22 -6.99 11.81
N GLU A 180 -9.30 -6.25 11.60
CA GLU A 180 -9.35 -5.29 10.50
C GLU A 180 -8.18 -4.33 10.62
N GLY A 181 -7.42 -4.15 9.53
CA GLY A 181 -6.20 -3.38 9.57
C GLY A 181 -5.00 -4.15 10.10
N GLY A 182 -5.20 -5.36 10.64
CA GLY A 182 -4.12 -6.16 11.18
C GLY A 182 -3.16 -6.65 10.12
N PHE A 183 -1.93 -6.96 10.56
CA PHE A 183 -0.84 -7.31 9.66
C PHE A 183 -0.74 -8.82 9.48
N MET A 184 -0.49 -9.24 8.24
CA MET A 184 -0.08 -10.62 7.97
C MET A 184 1.29 -10.56 7.34
N LEU A 185 2.26 -11.22 7.96
CA LEU A 185 3.67 -11.14 7.57
C LEU A 185 4.09 -12.53 7.14
N LEU A 186 4.41 -12.68 5.86
CA LEU A 186 4.73 -13.99 5.30
C LEU A 186 6.09 -13.97 4.68
N ALA A 187 6.83 -15.07 4.85
CA ALA A 187 8.04 -15.33 4.09
C ALA A 187 7.79 -16.62 3.32
N ASP A 188 7.76 -16.55 2.00
CA ASP A 188 7.30 -17.71 1.25
C ASP A 188 7.81 -17.62 -0.19
N PHE A 189 7.48 -18.64 -0.97
CA PHE A 189 8.09 -18.83 -2.29
C PHE A 189 7.08 -18.56 -3.39
N ILE A 190 7.57 -18.05 -4.50
CA ILE A 190 6.78 -17.87 -5.71
C ILE A 190 7.39 -18.74 -6.79
N ALA A 191 6.55 -19.53 -7.45
CA ALA A 191 7.00 -20.39 -8.53
C ALA A 191 6.97 -19.60 -9.82
N ASN A 192 8.11 -19.51 -10.50
CA ASN A 192 8.21 -18.70 -11.70
C ASN A 192 8.10 -19.51 -12.98
N SER A 193 8.12 -20.85 -12.89
CA SER A 193 7.95 -21.74 -14.04
C SER A 193 8.82 -21.37 -15.23
N SER A 204 7.39 -27.98 -1.48
CA SER A 204 6.28 -28.92 -1.56
C SER A 204 5.23 -28.46 -2.56
N TYR A 205 4.38 -27.53 -2.15
CA TYR A 205 3.25 -27.05 -2.94
C TYR A 205 3.56 -25.63 -3.42
N ASN A 206 3.95 -25.50 -4.68
CA ASN A 206 4.40 -24.24 -5.24
C ASN A 206 3.24 -23.41 -5.76
N VAL A 207 3.37 -22.09 -5.61
CA VAL A 207 2.29 -21.12 -5.85
C VAL A 207 2.79 -20.11 -6.88
N THR A 208 2.07 -19.98 -7.99
CA THR A 208 2.47 -19.05 -9.04
C THR A 208 2.13 -17.62 -8.65
N PRO A 209 2.69 -16.62 -9.36
CA PRO A 209 2.31 -15.22 -9.07
C PRO A 209 0.80 -14.98 -9.11
N SER A 210 0.11 -15.44 -10.16
N SER A 210 0.11 -15.46 -10.15
CA SER A 210 -1.32 -15.23 -10.25
CA SER A 210 -1.33 -15.21 -10.25
C SER A 210 -2.05 -15.87 -9.06
C SER A 210 -2.11 -15.92 -9.14
N GLN A 211 -1.60 -17.05 -8.65
CA GLN A 211 -2.27 -17.74 -7.54
C GLN A 211 -2.11 -16.97 -6.24
N TRP A 212 -0.93 -16.39 -6.00
CA TRP A 212 -0.77 -15.54 -4.82
C TRP A 212 -1.74 -14.36 -4.84
N VAL A 213 -1.87 -13.70 -5.99
CA VAL A 213 -2.78 -12.55 -6.08
C VAL A 213 -4.20 -12.97 -5.69
N GLU A 214 -4.67 -14.10 -6.21
CA GLU A 214 -6.04 -14.53 -5.89
C GLU A 214 -6.17 -14.99 -4.45
N LEU A 215 -5.19 -15.73 -3.92
CA LEU A 215 -5.29 -16.18 -2.53
C LEU A 215 -5.39 -14.98 -1.59
N LEU A 216 -4.57 -13.95 -1.83
CA LEU A 216 -4.63 -12.81 -0.94
C LEU A 216 -5.91 -12.01 -1.17
N SER A 217 -6.21 -11.71 -2.45
CA SER A 217 -7.34 -10.85 -2.77
C SER A 217 -8.67 -11.46 -2.35
N GLU A 218 -8.85 -12.77 -2.56
CA GLU A 218 -10.13 -13.41 -2.21
C GLU A 218 -10.44 -13.29 -0.73
N HIS A 219 -9.42 -13.16 0.11
CA HIS A 219 -9.58 -13.14 1.56
C HIS A 219 -9.40 -11.75 2.13
N GLY A 220 -9.53 -10.72 1.30
CA GLY A 220 -9.47 -9.34 1.78
C GLY A 220 -8.13 -8.95 2.35
N LEU A 221 -7.04 -9.45 1.77
CA LEU A 221 -5.69 -9.16 2.24
C LEU A 221 -5.01 -8.29 1.20
N ARG A 222 -4.57 -7.09 1.62
CA ARG A 222 -4.02 -6.06 0.76
C ARG A 222 -2.53 -5.94 1.04
N LEU A 223 -1.71 -6.12 0.01
CA LEU A 223 -0.27 -6.01 0.20
C LEU A 223 0.14 -4.55 0.39
N VAL A 224 0.93 -4.31 1.43
CA VAL A 224 1.61 -3.03 1.58
C VAL A 224 2.94 -3.06 0.83
N GLU A 225 3.59 -4.21 0.81
CA GLU A 225 4.87 -4.35 0.13
C GLU A 225 5.15 -5.84 -0.06
N CYS A 226 5.80 -6.17 -1.18
CA CYS A 226 6.54 -7.43 -1.33
C CYS A 226 8.00 -7.08 -1.51
N VAL A 227 8.89 -7.83 -0.84
CA VAL A 227 10.32 -7.63 -0.94
C VAL A 227 10.93 -8.93 -1.45
N ASP A 228 11.64 -8.86 -2.57
CA ASP A 228 12.29 -10.02 -3.15
C ASP A 228 13.69 -10.15 -2.56
N VAL A 229 13.95 -11.25 -1.86
CA VAL A 229 15.28 -11.51 -1.30
C VAL A 229 15.93 -12.75 -1.92
N SER A 230 15.52 -13.12 -3.14
CA SER A 230 15.96 -14.37 -3.74
C SER A 230 17.49 -14.46 -3.83
N GLN A 231 18.12 -13.47 -4.45
CA GLN A 231 19.57 -13.58 -4.66
C GLN A 231 20.31 -13.56 -3.34
N GLU A 232 19.83 -12.75 -2.39
CA GLU A 232 20.53 -12.59 -1.12
C GLU A 232 20.41 -13.86 -0.27
N VAL A 233 19.27 -14.56 -0.37
CA VAL A 233 19.17 -15.87 0.28
C VAL A 233 20.01 -16.90 -0.46
N ALA A 234 20.03 -16.86 -1.79
CA ALA A 234 20.96 -17.71 -2.52
C ALA A 234 22.41 -17.46 -2.08
N ASN A 235 22.76 -16.20 -1.82
CA ASN A 235 24.12 -15.87 -1.40
C ASN A 235 24.44 -16.50 -0.06
N PHE A 236 23.52 -16.37 0.90
CA PHE A 236 23.66 -16.96 2.22
C PHE A 236 23.82 -18.48 2.14
N LEU A 237 23.05 -19.12 1.26
CA LEU A 237 23.04 -20.58 1.21
C LEU A 237 24.20 -21.17 0.42
N PHE A 238 24.89 -20.36 -0.38
CA PHE A 238 25.91 -20.92 -1.25
C PHE A 238 27.08 -21.41 -0.42
N ASP A 239 27.40 -22.70 -0.55
CA ASP A 239 28.52 -23.32 0.18
C ASP A 239 29.24 -24.21 -0.82
N ALA A 240 30.40 -23.75 -1.30
CA ALA A 240 31.13 -24.50 -2.32
C ALA A 240 31.59 -25.85 -1.81
N ASP A 241 31.76 -26.01 -0.50
CA ASP A 241 32.16 -27.27 0.11
C ASP A 241 30.99 -27.99 0.79
N PHE A 242 29.77 -27.80 0.29
CA PHE A 242 28.59 -28.23 1.03
C PHE A 242 28.60 -29.74 1.28
N ASP A 243 28.80 -30.54 0.23
CA ASP A 243 28.76 -31.99 0.42
C ASP A 243 29.85 -32.45 1.39
N ALA A 244 31.06 -31.92 1.23
CA ALA A 244 32.14 -32.19 2.20
C ALA A 244 31.74 -31.76 3.60
N ASN A 245 31.23 -30.53 3.74
CA ASN A 245 30.87 -30.04 5.07
C ASN A 245 29.74 -30.86 5.67
N LEU A 246 28.77 -31.27 4.85
CA LEU A 246 27.67 -32.07 5.39
C LEU A 246 28.16 -33.42 5.88
N THR A 247 29.10 -34.04 5.17
CA THR A 247 29.68 -35.28 5.66
C THR A 247 30.51 -35.03 6.91
N GLN A 248 31.40 -34.03 6.86
CA GLN A 248 32.16 -33.65 8.04
C GLN A 248 31.24 -33.36 9.23
N LEU A 249 30.10 -32.73 8.96
CA LEU A 249 29.13 -32.45 10.02
C LEU A 249 28.57 -33.75 10.60
N GLU A 250 28.32 -34.74 9.75
CA GLU A 250 27.64 -35.96 10.20
C GLU A 250 28.55 -36.87 11.02
N THR A 251 29.87 -36.80 10.82
CA THR A 251 30.78 -37.57 11.67
C THR A 251 31.10 -36.84 12.97
N SER A 252 31.37 -35.53 12.89
CA SER A 252 31.65 -34.74 14.08
C SER A 252 30.42 -34.66 14.97
N VAL A 253 29.42 -33.90 14.54
CA VAL A 253 28.16 -33.79 15.25
C VAL A 253 27.29 -34.97 14.87
N GLY A 254 26.20 -35.19 15.60
CA GLY A 254 25.25 -36.22 15.23
C GLY A 254 24.00 -35.61 14.64
N ILE A 255 23.74 -35.88 13.36
CA ILE A 255 22.54 -35.39 12.69
C ILE A 255 21.77 -36.58 12.13
N SER A 256 20.46 -36.53 12.29
CA SER A 256 19.58 -37.60 11.84
C SER A 256 19.53 -37.64 10.31
N ALA A 257 19.02 -38.76 9.78
CA ALA A 257 18.69 -38.81 8.36
C ALA A 257 17.68 -37.74 7.99
N ILE A 258 16.80 -37.36 8.91
CA ILE A 258 15.86 -36.27 8.66
C ILE A 258 16.61 -34.95 8.51
N GLU A 259 17.46 -34.62 9.48
CA GLU A 259 18.18 -33.35 9.44
C GLU A 259 19.05 -33.26 8.19
N LYS A 260 19.84 -34.30 7.93
CA LYS A 260 20.67 -34.35 6.72
C LYS A 260 19.83 -34.05 5.47
N ARG A 261 18.67 -34.70 5.35
CA ARG A 261 17.82 -34.46 4.19
C ARG A 261 17.33 -33.01 4.16
N ASN A 262 16.96 -32.47 5.32
CA ASN A 262 16.47 -31.09 5.35
C ASN A 262 17.55 -30.11 4.88
N TYR A 263 18.80 -30.35 5.27
CA TYR A 263 19.88 -29.45 4.85
C TYR A 263 20.16 -29.62 3.36
N GLN A 264 20.02 -30.84 2.84
CA GLN A 264 20.20 -31.04 1.40
C GLN A 264 19.17 -30.25 0.62
N ALA A 265 17.93 -30.18 1.13
CA ALA A 265 16.88 -29.42 0.46
C ALA A 265 17.18 -27.93 0.48
N MET A 266 17.66 -27.42 1.62
CA MET A 266 18.05 -26.01 1.70
C MET A 266 19.12 -25.66 0.67
N ARG A 267 20.09 -26.54 0.48
CA ARG A 267 21.10 -26.31 -0.55
C ARG A 267 20.45 -26.29 -1.93
N ASN A 268 19.61 -27.28 -2.23
CA ASN A 268 18.91 -27.31 -3.51
C ASN A 268 18.05 -26.08 -3.68
N PHE A 269 17.41 -25.64 -2.59
CA PHE A 269 16.58 -24.45 -2.65
C PHE A 269 17.40 -23.22 -3.05
N GLY A 270 18.60 -23.09 -2.48
CA GLY A 270 19.46 -21.99 -2.89
C GLY A 270 19.82 -22.04 -4.36
N ALA A 271 20.06 -23.25 -4.89
CA ALA A 271 20.36 -23.38 -6.31
C ALA A 271 19.17 -22.97 -7.19
N ALA A 272 17.95 -23.30 -6.75
CA ALA A 272 16.77 -22.90 -7.50
C ALA A 272 16.58 -21.38 -7.49
N LEU A 273 16.89 -20.74 -6.37
CA LEU A 273 16.85 -19.28 -6.33
C LEU A 273 17.90 -18.68 -7.26
N GLU A 274 19.11 -19.22 -7.24
CA GLU A 274 20.14 -18.80 -8.18
C GLU A 274 19.66 -18.86 -9.62
N ARG A 275 18.99 -19.94 -9.98
CA ARG A 275 18.49 -20.12 -11.34
C ARG A 275 17.17 -19.41 -11.59
N LYS A 276 16.65 -18.70 -10.60
CA LYS A 276 15.41 -17.93 -10.71
C LYS A 276 14.20 -18.80 -11.06
N ILE A 277 14.30 -20.11 -10.80
CA ILE A 277 13.16 -21.00 -10.92
C ILE A 277 12.13 -20.70 -9.85
N LEU A 278 12.59 -20.31 -8.67
CA LEU A 278 11.76 -19.85 -7.57
C LEU A 278 12.21 -18.47 -7.16
N SER A 279 11.31 -17.74 -6.53
CA SER A 279 11.67 -16.52 -5.82
C SER A 279 11.32 -16.71 -4.35
N TYR A 280 12.16 -16.15 -3.48
N TYR A 280 12.13 -16.11 -3.48
CA TYR A 280 11.87 -16.06 -2.06
CA TYR A 280 11.88 -16.06 -2.05
C TYR A 280 11.43 -14.63 -1.77
C TYR A 280 11.44 -14.64 -1.72
N VAL A 281 10.18 -14.47 -1.32
CA VAL A 281 9.57 -13.15 -1.20
C VAL A 281 9.00 -12.97 0.20
N LEU A 282 9.13 -11.75 0.71
CA LEU A 282 8.52 -11.37 1.98
C LEU A 282 7.28 -10.53 1.69
N PHE A 283 6.14 -10.96 2.23
CA PHE A 283 4.85 -10.31 2.00
C PHE A 283 4.47 -9.56 3.27
N ILE A 284 4.21 -8.26 3.14
CA ILE A 284 3.66 -7.45 4.23
C ILE A 284 2.26 -7.06 3.79
N ALA A 285 1.25 -7.70 4.38
CA ALA A 285 -0.12 -7.46 3.98
C ALA A 285 -0.95 -7.00 5.18
N GLN A 286 -2.13 -6.43 4.88
CA GLN A 286 -3.06 -6.05 5.93
C GLN A 286 -4.47 -6.48 5.56
N LYS A 287 -5.25 -6.81 6.57
CA LYS A 287 -6.66 -7.08 6.34
C LYS A 287 -7.38 -5.78 6.02
N ASP A 288 -8.11 -5.75 4.89
CA ASP A 288 -8.78 -4.54 4.42
C ASP A 288 -10.10 -4.95 3.77
N SER A 289 -11.18 -4.79 4.52
CA SER A 289 -12.52 -5.10 4.03
C SER A 289 -13.15 -3.96 3.26
N HIS A 290 -12.47 -2.83 3.08
CA HIS A 290 -13.11 -1.65 2.51
C HIS A 290 -12.63 -1.30 1.11
N VAL A 291 -11.55 -1.91 0.63
N VAL A 291 -11.55 -1.92 0.64
CA VAL A 291 -11.07 -1.66 -0.72
CA VAL A 291 -11.07 -1.73 -0.73
C VAL A 291 -11.94 -2.42 -1.70
C VAL A 291 -11.94 -2.53 -1.70
N ARG A 292 -12.25 -1.78 -2.83
N ARG A 292 -12.08 -2.02 -2.91
CA ARG A 292 -13.00 -2.46 -3.89
CA ARG A 292 -12.85 -2.72 -3.93
C ARG A 292 -12.20 -3.66 -4.39
C ARG A 292 -12.09 -3.95 -4.41
N SER A 293 -12.91 -4.77 -4.63
N SER A 293 -12.83 -5.03 -4.69
CA SER A 293 -12.25 -6.03 -4.95
CA SER A 293 -12.21 -6.30 -5.04
C SER A 293 -11.36 -5.92 -6.18
C SER A 293 -11.39 -6.20 -6.32
N THR A 294 -11.86 -5.26 -7.24
N THR A 294 -11.81 -5.37 -7.28
CA THR A 294 -11.07 -5.13 -8.46
CA THR A 294 -11.00 -5.19 -8.48
C THR A 294 -9.79 -4.35 -8.21
C THR A 294 -9.74 -4.37 -8.18
N TYR A 295 -9.87 -3.33 -7.36
CA TYR A 295 -8.68 -2.54 -7.01
C TYR A 295 -7.74 -3.35 -6.15
N LEU A 296 -8.28 -4.19 -5.27
CA LEU A 296 -7.44 -5.04 -4.43
C LEU A 296 -6.57 -5.96 -5.30
N ARG A 297 -7.15 -6.51 -6.37
CA ARG A 297 -6.37 -7.34 -7.27
C ARG A 297 -5.35 -6.51 -8.04
N HIS A 298 -5.69 -5.27 -8.40
CA HIS A 298 -4.71 -4.40 -9.06
C HIS A 298 -3.48 -4.19 -8.18
N ILE A 299 -3.70 -3.89 -6.90
CA ILE A 299 -2.52 -3.50 -6.13
C ILE A 299 -1.75 -4.75 -5.66
N ASN A 300 -2.43 -5.88 -5.47
CA ASN A 300 -1.72 -7.11 -5.13
C ASN A 300 -0.90 -7.61 -6.31
N GLN A 301 -1.44 -7.49 -7.52
CA GLN A 301 -0.69 -7.82 -8.72
C GLN A 301 0.56 -6.95 -8.86
N LYS A 302 0.43 -5.65 -8.58
CA LYS A 302 1.60 -4.77 -8.67
C LYS A 302 2.75 -5.29 -7.81
N TRP A 303 2.45 -5.68 -6.57
CA TRP A 303 3.52 -6.07 -5.65
C TRP A 303 4.01 -7.50 -5.91
N VAL A 304 3.10 -8.42 -6.27
CA VAL A 304 3.53 -9.78 -6.55
C VAL A 304 4.35 -9.83 -7.83
N GLU A 305 3.96 -9.09 -8.86
CA GLU A 305 4.71 -9.11 -10.11
C GLU A 305 5.90 -8.17 -10.12
N ALA A 306 5.92 -7.14 -9.28
CA ALA A 306 7.02 -6.18 -9.25
C ALA A 306 7.42 -5.92 -7.80
N PRO A 307 7.91 -6.94 -7.12
CA PRO A 307 8.33 -6.76 -5.72
C PRO A 307 9.52 -5.81 -5.64
N ALA A 308 9.69 -5.22 -4.48
CA ALA A 308 10.84 -4.37 -4.26
C ALA A 308 12.09 -5.23 -4.15
N PRO A 309 13.16 -4.93 -4.87
CA PRO A 309 14.40 -5.69 -4.65
C PRO A 309 15.00 -5.32 -3.30
N TYR A 310 15.53 -6.32 -2.60
CA TYR A 310 16.07 -6.07 -1.26
C TYR A 310 17.21 -5.05 -1.31
N ALA A 311 18.05 -5.11 -2.35
CA ALA A 311 19.25 -4.29 -2.41
C ALA A 311 18.97 -2.79 -2.43
N ALA A 312 17.72 -2.37 -2.60
CA ALA A 312 17.37 -0.96 -2.71
C ALA A 312 16.77 -0.40 -1.42
N ARG A 313 17.06 -1.00 -0.28
CA ARG A 313 16.47 -0.58 0.99
C ARG A 313 17.47 0.17 1.85
N GLU A 314 16.96 0.69 2.97
CA GLU A 314 17.79 1.36 3.96
C GLU A 314 17.44 0.85 5.37
N GLU B 29 -20.57 23.96 -15.35
CA GLU B 29 -19.20 24.32 -14.98
C GLU B 29 -18.31 23.07 -14.90
N SER B 30 -18.91 21.93 -14.57
CA SER B 30 -18.15 20.69 -14.40
C SER B 30 -17.44 20.28 -15.68
N TYR B 31 -17.88 20.76 -16.85
CA TYR B 31 -17.19 20.47 -18.10
C TYR B 31 -15.82 21.15 -18.19
N LEU B 32 -15.44 21.95 -17.20
CA LEU B 32 -14.14 22.61 -17.15
C LEU B 32 -13.19 21.95 -16.15
N THR B 33 -13.44 20.70 -15.79
CA THR B 33 -12.47 19.95 -14.98
C THR B 33 -11.49 19.23 -15.91
N PHE B 34 -10.37 18.82 -15.33
CA PHE B 34 -9.33 18.16 -16.12
C PHE B 34 -9.74 16.72 -16.44
N GLY B 35 -9.22 16.22 -17.57
CA GLY B 35 -9.39 14.83 -17.93
C GLY B 35 -8.04 14.25 -18.34
N VAL B 36 -8.03 12.95 -18.61
CA VAL B 36 -6.83 12.25 -19.06
C VAL B 36 -7.05 11.74 -20.48
N LEU B 37 -6.15 12.08 -21.38
CA LEU B 37 -6.10 11.53 -22.72
C LEU B 37 -4.78 10.79 -22.87
N ASN B 38 -4.82 9.56 -23.37
CA ASN B 38 -3.61 8.75 -23.43
C ASN B 38 -2.61 9.25 -24.46
N GLU B 39 -3.08 9.98 -25.47
CA GLU B 39 -2.19 10.65 -26.40
C GLU B 39 -2.87 11.92 -26.87
N LYS B 40 -2.07 12.83 -27.44
CA LYS B 40 -2.64 14.04 -28.02
C LYS B 40 -3.62 13.68 -29.13
N GLN B 41 -4.75 14.36 -29.16
CA GLN B 41 -5.78 14.11 -30.17
C GLN B 41 -5.85 15.29 -31.12
N PRO B 42 -5.46 15.13 -32.37
CA PRO B 42 -5.42 16.27 -33.30
C PRO B 42 -6.81 16.86 -33.52
N GLY B 43 -6.90 18.18 -33.39
CA GLY B 43 -8.17 18.86 -33.53
C GLY B 43 -9.04 18.83 -32.29
N PHE B 44 -8.67 18.06 -31.26
CA PHE B 44 -9.40 18.13 -30.01
C PHE B 44 -9.00 19.42 -29.27
N SER B 45 -10.01 20.21 -28.92
CA SER B 45 -9.81 21.42 -28.13
C SER B 45 -10.77 21.35 -26.96
N TRP B 46 -10.26 21.12 -25.75
CA TRP B 46 -11.12 21.07 -24.57
C TRP B 46 -12.03 22.30 -24.49
N LEU B 47 -11.51 23.46 -24.91
CA LEU B 47 -12.29 24.70 -24.82
C LEU B 47 -13.41 24.74 -25.86
N ARG B 48 -13.12 24.35 -27.11
CA ARG B 48 -14.15 24.33 -28.14
C ARG B 48 -15.23 23.32 -27.83
N VAL B 49 -14.84 22.14 -27.33
CA VAL B 49 -15.80 21.07 -27.06
C VAL B 49 -16.66 21.43 -25.87
N ALA B 50 -16.06 21.86 -24.76
CA ALA B 50 -16.83 22.20 -23.57
C ALA B 50 -17.93 23.21 -23.86
N TYR B 51 -17.64 24.23 -24.68
CA TYR B 51 -18.60 25.28 -24.92
C TYR B 51 -19.57 24.99 -26.06
N GLY B 52 -19.24 24.07 -26.96
CA GLY B 52 -20.10 23.77 -28.08
C GLY B 52 -19.71 24.44 -29.38
N LEU B 53 -18.54 25.07 -29.43
CA LEU B 53 -18.00 25.54 -30.70
C LEU B 53 -17.74 24.36 -31.65
N ASP B 54 -17.32 23.23 -31.09
CA ASP B 54 -17.18 22.00 -31.85
C ASP B 54 -18.45 21.18 -31.66
N PRO B 55 -19.27 20.98 -32.70
CA PRO B 55 -20.50 20.20 -32.54
C PRO B 55 -20.31 18.70 -32.53
N SER B 56 -19.08 18.19 -32.51
CA SER B 56 -18.85 16.76 -32.58
C SER B 56 -19.39 16.06 -31.33
N GLU B 57 -20.36 15.17 -31.53
CA GLU B 57 -20.86 14.35 -30.42
C GLU B 57 -19.78 13.41 -29.92
N GLU B 58 -18.98 12.87 -30.84
CA GLU B 58 -17.90 11.95 -30.44
C GLU B 58 -16.87 12.66 -29.57
N ARG B 59 -16.49 13.88 -29.94
CA ARG B 59 -15.54 14.63 -29.12
C ARG B 59 -16.15 15.03 -27.78
N MET B 60 -17.43 15.38 -27.75
CA MET B 60 -18.06 15.64 -26.47
C MET B 60 -18.05 14.38 -25.61
N ARG B 61 -18.33 13.23 -26.22
CA ARG B 61 -18.24 11.96 -25.51
C ARG B 61 -16.83 11.75 -24.95
N LEU B 62 -15.81 12.07 -25.75
CA LEU B 62 -14.43 11.90 -25.29
C LEU B 62 -14.13 12.84 -24.12
N LEU B 63 -14.60 14.07 -24.17
CA LEU B 63 -14.36 15.02 -23.09
C LEU B 63 -14.91 14.51 -21.78
N LEU B 64 -16.16 14.03 -21.78
CA LEU B 64 -16.76 13.54 -20.54
C LEU B 64 -16.09 12.24 -20.08
N HIS B 65 -15.75 11.36 -21.03
CA HIS B 65 -15.09 10.11 -20.66
C HIS B 65 -13.74 10.38 -20.02
N SER B 66 -12.98 11.33 -20.57
CA SER B 66 -11.66 11.65 -20.03
C SER B 66 -11.75 12.25 -18.63
N GLN B 67 -12.79 13.03 -18.36
CA GLN B 67 -12.95 13.62 -17.03
C GLN B 67 -13.37 12.55 -16.02
N ARG B 68 -14.24 11.63 -16.42
CA ARG B 68 -14.60 10.51 -15.55
C ARG B 68 -13.40 9.62 -15.29
N ALA B 69 -12.57 9.37 -16.32
CA ALA B 69 -11.44 8.47 -16.14
C ALA B 69 -10.46 9.01 -15.10
N LEU B 70 -10.31 10.33 -15.01
N LEU B 70 -10.33 10.33 -15.01
CA LEU B 70 -9.42 10.89 -14.00
CA LEU B 70 -9.45 10.94 -14.02
C LEU B 70 -9.99 10.68 -12.59
C LEU B 70 -9.99 10.72 -12.61
N ARG B 71 -11.29 10.98 -12.41
CA ARG B 71 -11.93 10.73 -11.12
C ARG B 71 -11.83 9.26 -10.74
N ASN B 72 -12.03 8.36 -11.71
CA ASN B 72 -12.16 6.95 -11.37
C ASN B 72 -10.87 6.35 -10.85
N VAL B 73 -9.71 6.90 -11.21
CA VAL B 73 -8.47 6.39 -10.62
C VAL B 73 -8.58 6.41 -9.10
N LEU B 74 -9.14 7.48 -8.55
CA LEU B 74 -9.30 7.57 -7.10
C LEU B 74 -10.54 6.82 -6.64
N LEU B 75 -11.70 7.09 -7.28
CA LEU B 75 -12.96 6.56 -6.78
C LEU B 75 -13.03 5.03 -6.89
N ASP B 76 -12.38 4.44 -7.88
CA ASP B 76 -12.48 2.98 -8.04
C ASP B 76 -11.77 2.22 -6.93
N SER B 77 -11.02 2.88 -6.06
CA SER B 77 -10.31 2.15 -5.01
C SER B 77 -11.21 1.79 -3.84
N VAL B 78 -12.33 2.49 -3.67
CA VAL B 78 -13.16 2.41 -2.47
C VAL B 78 -14.41 1.59 -2.75
N ASP B 79 -14.70 0.63 -1.87
CA ASP B 79 -15.99 -0.07 -1.88
C ASP B 79 -16.97 0.82 -1.13
N PHE B 80 -17.69 1.68 -1.88
CA PHE B 80 -18.60 2.62 -1.25
C PHE B 80 -19.83 1.95 -0.63
N SER B 81 -20.10 0.68 -0.94
CA SER B 81 -21.18 -0.04 -0.26
C SER B 81 -20.84 -0.33 1.19
N ARG B 82 -19.57 -0.31 1.56
CA ARG B 82 -19.15 -0.51 2.93
C ARG B 82 -18.73 0.80 3.59
N ALA B 83 -18.97 1.92 2.93
CA ALA B 83 -18.74 3.24 3.50
C ALA B 83 -20.06 3.82 3.99
N LYS B 84 -19.98 4.70 4.98
CA LYS B 84 -21.13 5.40 5.50
C LYS B 84 -21.05 6.92 5.37
N SER B 85 -19.87 7.51 5.45
CA SER B 85 -19.77 8.97 5.37
C SER B 85 -18.56 9.38 4.56
N VAL B 86 -18.75 10.44 3.78
CA VAL B 86 -17.72 10.99 2.89
C VAL B 86 -17.61 12.49 3.16
N TRP B 87 -16.37 12.97 3.25
CA TRP B 87 -16.08 14.38 3.45
C TRP B 87 -15.28 14.89 2.25
N ASP B 88 -15.83 15.83 1.50
CA ASP B 88 -15.12 16.53 0.43
C ASP B 88 -14.64 17.85 1.01
N PHE B 89 -13.34 17.95 1.33
CA PHE B 89 -12.92 19.13 2.10
C PHE B 89 -12.70 20.36 1.23
N GLY B 90 -13.00 20.30 -0.06
CA GLY B 90 -13.01 21.49 -0.89
C GLY B 90 -13.89 21.27 -2.10
N CYS B 91 -15.21 21.38 -1.94
CA CYS B 91 -16.13 20.65 -2.81
C CYS B 91 -16.59 21.43 -4.04
N GLY B 92 -16.15 22.67 -4.20
CA GLY B 92 -16.58 23.45 -5.36
C GLY B 92 -18.08 23.61 -5.40
N TYR B 93 -18.68 23.26 -6.53
CA TYR B 93 -20.13 23.29 -6.70
C TYR B 93 -20.80 21.96 -6.36
N ALA B 94 -20.11 21.11 -5.58
CA ALA B 94 -20.62 19.85 -5.02
C ALA B 94 -20.89 18.79 -6.08
N SER B 95 -20.36 18.97 -7.29
N SER B 95 -20.36 18.97 -7.30
CA SER B 95 -20.63 18.01 -8.36
CA SER B 95 -20.60 18.03 -8.38
C SER B 95 -20.19 16.60 -7.98
C SER B 95 -20.19 16.61 -7.99
N ASP B 96 -19.02 16.46 -7.36
CA ASP B 96 -18.52 15.11 -7.06
C ASP B 96 -19.40 14.40 -6.02
N ILE B 97 -19.73 15.07 -4.92
CA ILE B 97 -20.51 14.39 -3.89
C ILE B 97 -21.97 14.22 -4.29
N ILE B 98 -22.49 15.05 -5.19
CA ILE B 98 -23.83 14.80 -5.71
C ILE B 98 -23.84 13.53 -6.54
N ALA B 99 -22.84 13.34 -7.40
CA ALA B 99 -22.74 12.12 -8.20
C ALA B 99 -22.62 10.89 -7.32
N LEU B 100 -21.71 10.92 -6.34
CA LEU B 100 -21.58 9.80 -5.41
C LEU B 100 -22.89 9.55 -4.66
N GLY B 101 -23.57 10.62 -4.25
CA GLY B 101 -24.83 10.44 -3.53
C GLY B 101 -25.91 9.77 -4.36
N GLU B 102 -25.94 10.04 -5.67
CA GLU B 102 -26.94 9.42 -6.52
C GLU B 102 -26.61 7.98 -6.86
N ARG B 103 -25.32 7.62 -6.86
CA ARG B 103 -24.91 6.24 -7.08
C ARG B 103 -25.13 5.38 -5.84
N HIS B 104 -24.84 5.92 -4.66
CA HIS B 104 -24.89 5.17 -3.40
C HIS B 104 -25.90 5.81 -2.47
N SER B 105 -27.12 5.27 -2.48
CA SER B 105 -28.25 5.90 -1.80
C SER B 105 -28.12 5.89 -0.28
N HIS B 106 -27.22 5.10 0.31
CA HIS B 106 -27.05 5.10 1.76
C HIS B 106 -26.06 6.14 2.24
N LEU B 107 -25.24 6.71 1.36
CA LEU B 107 -24.10 7.51 1.78
C LEU B 107 -24.53 8.86 2.32
N LYS B 108 -23.89 9.28 3.42
CA LYS B 108 -23.87 10.67 3.84
C LYS B 108 -22.65 11.35 3.24
N LEU B 109 -22.83 12.54 2.67
CA LEU B 109 -21.71 13.23 2.03
C LEU B 109 -21.71 14.70 2.44
N HIS B 110 -20.55 15.16 2.93
CA HIS B 110 -20.43 16.51 3.44
C HIS B 110 -19.33 17.23 2.67
N GLY B 111 -19.64 18.42 2.18
CA GLY B 111 -18.68 19.23 1.45
C GLY B 111 -18.40 20.54 2.16
N HIS B 112 -17.16 21.01 2.03
CA HIS B 112 -16.73 22.29 2.57
C HIS B 112 -16.34 23.21 1.43
N THR B 113 -16.63 24.49 1.60
CA THR B 113 -16.20 25.50 0.63
C THR B 113 -15.97 26.80 1.39
N LEU B 114 -15.04 27.61 0.89
CA LEU B 114 -14.75 28.90 1.53
C LEU B 114 -15.79 29.97 1.21
N SER B 115 -16.36 29.98 0.01
CA SER B 115 -17.18 31.10 -0.37
C SER B 115 -18.58 30.94 0.20
N SER B 116 -19.34 32.03 0.19
CA SER B 116 -20.73 31.96 0.63
C SER B 116 -21.65 31.51 -0.49
N GLU B 117 -21.41 31.99 -1.71
CA GLU B 117 -22.35 31.74 -2.81
C GLU B 117 -22.21 30.34 -3.39
N GLN B 118 -21.01 29.75 -3.37
CA GLN B 118 -20.86 28.38 -3.85
C GLN B 118 -21.70 27.42 -3.02
N ALA B 119 -21.69 27.59 -1.70
CA ALA B 119 -22.54 26.77 -0.82
C ALA B 119 -24.00 26.90 -1.20
N GLU B 120 -24.47 28.14 -1.41
CA GLU B 120 -25.87 28.35 -1.76
C GLU B 120 -26.22 27.67 -3.08
N LEU B 121 -25.36 27.81 -4.08
CA LEU B 121 -25.60 27.15 -5.35
C LEU B 121 -25.55 25.64 -5.22
N GLY B 122 -24.58 25.10 -4.47
CA GLY B 122 -24.53 23.66 -4.24
C GLY B 122 -25.79 23.14 -3.57
N LEU B 123 -26.24 23.82 -2.51
CA LEU B 123 -27.43 23.37 -1.80
C LEU B 123 -28.67 23.41 -2.69
N ARG B 124 -28.73 24.37 -3.61
CA ARG B 124 -29.84 24.39 -4.57
C ARG B 124 -29.74 23.24 -5.56
N LYS B 125 -28.55 22.97 -6.08
CA LYS B 125 -28.33 21.77 -6.87
C LYS B 125 -28.73 20.52 -6.10
N ILE B 126 -28.32 20.44 -4.83
CA ILE B 126 -28.65 19.30 -3.99
C ILE B 126 -30.16 19.17 -3.84
N GLU B 127 -30.83 20.27 -3.46
CA GLU B 127 -32.27 20.21 -3.23
C GLU B 127 -33.04 19.91 -4.51
N ALA B 128 -32.52 20.35 -5.66
CA ALA B 128 -33.19 20.07 -6.93
C ALA B 128 -33.13 18.60 -7.31
N ARG B 129 -32.33 17.79 -6.61
CA ARG B 129 -32.21 16.37 -6.90
C ARG B 129 -32.69 15.48 -5.75
N GLY B 130 -33.39 16.05 -4.76
CA GLY B 130 -33.87 15.25 -3.65
C GLY B 130 -32.81 14.72 -2.72
N LEU B 131 -31.60 15.27 -2.78
CA LEU B 131 -30.49 14.80 -1.97
C LEU B 131 -30.33 15.56 -0.66
N GLY B 132 -31.35 16.36 -0.28
CA GLY B 132 -31.18 17.29 0.83
C GLY B 132 -30.87 16.62 2.15
N GLY B 133 -31.47 15.45 2.40
CA GLY B 133 -31.14 14.73 3.61
C GLY B 133 -29.66 14.37 3.71
N ARG B 134 -29.17 13.66 2.71
CA ARG B 134 -27.88 12.98 2.83
C ARG B 134 -26.67 13.82 2.42
N VAL B 135 -26.85 14.85 1.61
CA VAL B 135 -25.73 15.60 1.04
C VAL B 135 -25.81 17.03 1.53
N GLN B 136 -24.71 17.53 2.09
CA GLN B 136 -24.69 18.88 2.66
C GLN B 136 -23.43 19.62 2.23
N VAL B 137 -23.57 20.93 2.04
CA VAL B 137 -22.45 21.82 1.77
C VAL B 137 -22.40 22.87 2.88
N LEU B 138 -21.25 22.96 3.52
CA LEU B 138 -21.01 23.90 4.62
C LEU B 138 -19.93 24.88 4.21
N ARG B 139 -20.10 26.14 4.63
CA ARG B 139 -19.01 27.12 4.49
C ARG B 139 -18.13 26.96 5.72
N ARG B 140 -17.06 26.19 5.56
CA ARG B 140 -16.11 25.91 6.64
C ARG B 140 -14.72 25.87 6.05
N ASP B 141 -13.75 26.36 6.82
CA ASP B 141 -12.34 26.35 6.42
C ASP B 141 -11.73 25.03 6.85
N SER B 142 -11.42 24.17 5.88
CA SER B 142 -10.96 22.82 6.17
C SER B 142 -9.57 22.78 6.78
N SER B 143 -8.80 23.87 6.71
CA SER B 143 -7.50 23.90 7.37
C SER B 143 -7.62 24.04 8.88
N LYS B 144 -8.76 24.57 9.38
CA LYS B 144 -8.94 24.90 10.79
C LYS B 144 -10.22 24.34 11.39
N ASP B 145 -11.33 24.34 10.65
CA ASP B 145 -12.64 24.07 11.22
C ASP B 145 -12.98 22.59 11.16
N ALA B 146 -13.52 22.06 12.26
CA ALA B 146 -13.87 20.65 12.33
C ALA B 146 -15.06 20.35 11.41
N PRO B 147 -15.09 19.19 10.79
CA PRO B 147 -16.25 18.80 9.97
C PRO B 147 -17.39 18.34 10.88
N LEU B 148 -18.51 17.96 10.24
CA LEU B 148 -19.69 17.55 11.01
C LEU B 148 -19.43 16.27 11.81
N GLU B 149 -18.83 15.28 11.18
CA GLU B 149 -18.64 13.96 11.76
C GLU B 149 -17.26 13.85 12.40
N SER B 150 -17.15 12.94 13.37
CA SER B 150 -15.86 12.76 14.02
C SER B 150 -14.95 11.79 13.29
N ALA B 151 -15.49 10.90 12.45
CA ALA B 151 -14.65 9.89 11.77
C ALA B 151 -15.30 9.50 10.44
N TYR B 152 -14.84 10.10 9.36
CA TYR B 152 -15.34 9.76 8.04
C TYR B 152 -14.67 8.50 7.51
N ASP B 153 -15.39 7.80 6.63
CA ASP B 153 -14.82 6.64 5.94
C ASP B 153 -13.95 7.05 4.76
N VAL B 154 -14.29 8.15 4.11
CA VAL B 154 -13.58 8.62 2.93
C VAL B 154 -13.45 10.13 3.04
N ILE B 155 -12.25 10.64 2.79
CA ILE B 155 -12.02 12.07 2.62
C ILE B 155 -11.53 12.28 1.19
N LEU B 156 -12.15 13.24 0.49
CA LEU B 156 -11.84 13.56 -0.90
C LEU B 156 -11.24 14.96 -0.99
N GLY B 157 -10.17 15.10 -1.78
CA GLY B 157 -9.69 16.42 -2.10
C GLY B 157 -9.16 16.51 -3.52
N PHE B 158 -10.00 16.96 -4.46
CA PHE B 158 -9.61 17.14 -5.85
C PHE B 158 -9.09 18.55 -6.02
N GLU B 159 -7.77 18.69 -6.04
CA GLU B 159 -7.09 19.97 -6.22
C GLU B 159 -7.55 21.00 -5.17
N VAL B 160 -7.47 20.59 -3.92
CA VAL B 160 -7.80 21.46 -2.80
C VAL B 160 -6.56 21.84 -2.02
N ALA B 161 -5.77 20.83 -1.61
CA ALA B 161 -4.60 21.11 -0.77
C ALA B 161 -3.62 22.08 -1.44
N THR B 162 -3.54 22.08 -2.78
CA THR B 162 -2.66 23.02 -3.47
C THR B 162 -3.04 24.48 -3.23
N HIS B 163 -4.30 24.76 -2.88
CA HIS B 163 -4.72 26.13 -2.59
C HIS B 163 -4.65 26.46 -1.11
N ILE B 164 -4.04 25.60 -0.30
CA ILE B 164 -4.06 25.75 1.16
C ILE B 164 -2.62 25.84 1.64
N LYS B 165 -2.26 27.00 2.22
CA LYS B 165 -0.88 27.25 2.59
C LYS B 165 -0.47 26.48 3.84
N GLU B 166 -1.36 26.39 4.83
CA GLU B 166 -1.05 25.77 6.13
C GLU B 166 -1.25 24.25 6.03
N LYS B 167 -0.26 23.58 5.43
CA LYS B 167 -0.40 22.17 5.10
C LYS B 167 -0.50 21.29 6.35
N ARG B 168 0.30 21.58 7.38
CA ARG B 168 0.27 20.73 8.58
C ARG B 168 -1.04 20.90 9.34
N SER B 169 -1.56 22.13 9.42
N SER B 169 -1.54 22.13 9.44
CA SER B 169 -2.84 22.34 10.06
CA SER B 169 -2.84 22.36 10.04
C SER B 169 -3.95 21.62 9.29
C SER B 169 -3.92 21.59 9.29
N LEU B 170 -3.89 21.64 7.96
CA LEU B 170 -4.86 20.91 7.16
C LEU B 170 -4.76 19.40 7.42
N PHE B 171 -3.57 18.83 7.30
CA PHE B 171 -3.48 17.37 7.40
C PHE B 171 -3.74 16.88 8.82
N GLN B 172 -3.50 17.70 9.83
CA GLN B 172 -3.93 17.32 11.18
C GLN B 172 -5.45 17.27 11.26
N ASN B 173 -6.12 18.25 10.66
CA ASN B 173 -7.58 18.30 10.69
C ASN B 173 -8.19 17.16 9.88
N LEU B 174 -7.59 16.84 8.73
CA LEU B 174 -8.07 15.74 7.91
C LEU B 174 -7.91 14.41 8.63
N SER B 175 -6.70 14.12 9.12
N SER B 175 -6.69 14.12 9.11
CA SER B 175 -6.41 12.80 9.68
CA SER B 175 -6.40 12.80 9.67
C SER B 175 -7.15 12.57 10.99
C SER B 175 -7.15 12.57 10.98
N SER B 176 -7.29 13.61 11.81
CA SER B 176 -7.99 13.41 13.07
C SER B 176 -9.49 13.19 12.88
N HIS B 177 -10.05 13.43 11.70
CA HIS B 177 -11.45 13.12 11.44
C HIS B 177 -11.61 11.98 10.45
N LEU B 178 -10.56 11.21 10.22
CA LEU B 178 -10.61 10.05 9.35
C LEU B 178 -10.63 8.78 10.21
N ARG B 179 -11.58 7.90 9.91
CA ARG B 179 -11.66 6.58 10.56
C ARG B 179 -10.32 5.86 10.44
N GLU B 180 -9.97 5.10 11.47
CA GLU B 180 -8.86 4.17 11.31
C GLU B 180 -9.14 3.26 10.11
N GLY B 181 -8.17 3.17 9.21
CA GLY B 181 -8.34 2.44 7.97
C GLY B 181 -9.10 3.18 6.88
N GLY B 182 -9.66 4.35 7.18
CA GLY B 182 -10.39 5.10 6.17
C GLY B 182 -9.48 5.63 5.07
N PHE B 183 -10.10 5.96 3.93
CA PHE B 183 -9.38 6.42 2.76
C PHE B 183 -9.29 7.94 2.68
N MET B 184 -8.12 8.43 2.27
CA MET B 184 -7.95 9.82 1.85
C MET B 184 -7.55 9.79 0.39
N LEU B 185 -8.33 10.46 -0.45
CA LEU B 185 -8.18 10.42 -1.91
C LEU B 185 -7.92 11.86 -2.36
N LEU B 186 -6.70 12.10 -2.83
CA LEU B 186 -6.28 13.43 -3.25
C LEU B 186 -5.90 13.42 -4.71
N ALA B 187 -6.32 14.45 -5.43
CA ALA B 187 -5.70 14.80 -6.69
C ALA B 187 -4.91 16.07 -6.40
N ASP B 188 -3.59 15.99 -6.51
CA ASP B 188 -2.83 17.20 -6.18
C ASP B 188 -1.48 17.14 -6.90
N PHE B 189 -0.52 17.92 -6.43
CA PHE B 189 0.64 18.25 -7.25
C PHE B 189 1.93 18.08 -6.47
N ILE B 190 2.97 17.59 -7.14
CA ILE B 190 4.31 17.52 -6.60
C ILE B 190 5.18 18.55 -7.34
N ALA B 191 5.82 19.43 -6.59
CA ALA B 191 6.76 20.38 -7.18
C ALA B 191 8.07 19.69 -7.45
N ASN B 192 8.53 19.72 -8.70
CA ASN B 192 9.79 19.07 -9.09
C ASN B 192 10.94 20.06 -9.27
N SER B 193 10.63 21.34 -9.33
CA SER B 193 11.63 22.38 -9.46
C SER B 193 11.11 23.61 -8.75
N GLY B 194 11.99 24.59 -8.56
CA GLY B 194 11.60 25.83 -7.91
C GLY B 194 10.40 26.48 -8.58
N SER B 195 10.40 26.49 -9.91
CA SER B 195 9.30 27.09 -10.67
C SER B 195 7.98 26.40 -10.41
N GLY B 196 8.01 25.10 -10.11
CA GLY B 196 6.78 24.35 -9.92
C GLY B 196 6.09 24.51 -8.58
N VAL B 197 6.66 25.30 -7.66
CA VAL B 197 6.02 25.49 -6.36
C VAL B 197 4.72 26.27 -6.50
N ASP B 198 4.61 27.15 -7.49
CA ASP B 198 3.41 27.97 -7.68
C ASP B 198 3.18 28.09 -9.19
N VAL B 199 2.12 27.45 -9.69
CA VAL B 199 1.71 27.59 -11.08
C VAL B 199 0.41 28.38 -11.10
N GLN B 200 0.44 29.55 -11.74
CA GLN B 200 -0.52 30.63 -11.48
C GLN B 200 -1.97 30.13 -11.53
N ASP B 201 -2.70 30.42 -10.44
CA ASP B 201 -4.13 30.16 -10.30
C ASP B 201 -4.46 28.70 -10.08
N ILE B 202 -3.84 27.80 -10.86
CA ILE B 202 -4.27 26.40 -10.83
C ILE B 202 -3.63 25.66 -9.65
N ALA B 203 -2.37 25.97 -9.32
CA ALA B 203 -1.63 25.16 -8.33
C ALA B 203 -0.72 26.10 -7.52
N SER B 204 -1.26 26.64 -6.43
CA SER B 204 -0.69 27.80 -5.76
C SER B 204 0.43 27.46 -4.78
N TYR B 205 0.31 26.35 -4.05
CA TYR B 205 1.28 25.96 -3.01
C TYR B 205 1.58 24.48 -3.19
N ASN B 206 2.57 24.16 -4.01
CA ASN B 206 2.94 22.77 -4.23
C ASN B 206 4.17 22.43 -3.41
N VAL B 207 4.20 21.22 -2.89
CA VAL B 207 5.28 20.80 -2.02
C VAL B 207 6.07 19.72 -2.73
N THR B 208 7.31 19.55 -2.30
CA THR B 208 8.27 18.65 -2.90
C THR B 208 7.99 17.20 -2.49
N PRO B 209 8.60 16.23 -3.17
CA PRO B 209 8.44 14.84 -2.74
C PRO B 209 8.74 14.62 -1.25
N SER B 210 9.87 15.14 -0.76
N SER B 210 9.88 15.14 -0.77
CA SER B 210 10.22 14.91 0.65
CA SER B 210 10.23 14.95 0.64
C SER B 210 9.22 15.58 1.59
C SER B 210 9.18 15.56 1.56
N GLN B 211 8.67 16.73 1.19
CA GLN B 211 7.66 17.39 2.03
C GLN B 211 6.36 16.59 2.05
N TRP B 212 5.97 15.99 0.91
CA TRP B 212 4.83 15.09 0.90
C TRP B 212 5.04 13.91 1.85
N VAL B 213 6.24 13.32 1.82
CA VAL B 213 6.48 12.18 2.70
C VAL B 213 6.28 12.58 4.15
N GLU B 214 6.78 13.77 4.54
CA GLU B 214 6.62 14.20 5.93
C GLU B 214 5.16 14.53 6.24
N LEU B 215 4.48 15.27 5.35
CA LEU B 215 3.09 15.65 5.63
C LEU B 215 2.22 14.42 5.84
N LEU B 216 2.40 13.38 5.01
CA LEU B 216 1.58 12.18 5.17
C LEU B 216 2.00 11.39 6.40
N SER B 217 3.31 11.14 6.54
CA SER B 217 3.78 10.23 7.58
C SER B 217 3.57 10.82 8.97
N GLU B 218 3.79 12.12 9.15
CA GLU B 218 3.56 12.74 10.45
C GLU B 218 2.11 12.59 10.92
N HIS B 219 1.18 12.39 10.01
CA HIS B 219 -0.22 12.33 10.39
C HIS B 219 -0.81 10.93 10.25
N GLY B 220 0.06 9.92 10.22
CA GLY B 220 -0.39 8.54 10.19
C GLY B 220 -1.14 8.16 8.93
N LEU B 221 -0.79 8.77 7.80
CA LEU B 221 -1.40 8.47 6.51
C LEU B 221 -0.42 7.63 5.69
N ARG B 222 -0.87 6.46 5.24
CA ARG B 222 -0.05 5.48 4.52
C ARG B 222 -0.57 5.39 3.08
N LEU B 223 0.32 5.65 2.11
CA LEU B 223 -0.08 5.55 0.71
C LEU B 223 -0.27 4.09 0.31
N VAL B 224 -1.40 3.82 -0.32
CA VAL B 224 -1.61 2.56 -1.03
C VAL B 224 -1.07 2.69 -2.44
N GLU B 225 -1.20 3.88 -3.04
CA GLU B 225 -0.72 4.09 -4.40
C GLU B 225 -0.64 5.58 -4.71
N CYS B 226 0.35 5.95 -5.53
N CYS B 226 0.33 5.93 -5.56
CA CYS B 226 0.35 7.23 -6.23
CA CYS B 226 0.36 7.22 -6.23
C CYS B 226 0.28 6.95 -7.73
C CYS B 226 0.30 6.97 -7.74
N VAL B 227 -0.51 7.73 -8.44
CA VAL B 227 -0.66 7.57 -9.89
C VAL B 227 -0.34 8.91 -10.53
N ASP B 228 0.66 8.90 -11.41
CA ASP B 228 1.08 10.11 -12.12
C ASP B 228 0.29 10.21 -13.42
N VAL B 229 -0.52 11.26 -13.54
CA VAL B 229 -1.32 11.54 -14.73
C VAL B 229 -0.86 12.82 -15.43
N SER B 230 0.37 13.29 -15.14
CA SER B 230 0.86 14.56 -15.69
C SER B 230 0.72 14.64 -17.20
N GLN B 231 1.28 13.67 -17.93
CA GLN B 231 1.30 13.79 -19.39
C GLN B 231 -0.10 13.64 -19.97
N GLU B 232 -0.93 12.81 -19.36
CA GLU B 232 -2.26 12.58 -19.92
C GLU B 232 -3.18 13.78 -19.71
N VAL B 233 -2.97 14.52 -18.61
CA VAL B 233 -3.67 15.80 -18.45
C VAL B 233 -3.10 16.84 -19.41
N ALA B 234 -1.78 16.87 -19.60
CA ALA B 234 -1.22 17.77 -20.61
C ALA B 234 -1.79 17.46 -21.98
N ASN B 235 -1.98 16.16 -22.29
CA ASN B 235 -2.60 15.78 -23.56
C ASN B 235 -4.02 16.33 -23.66
N PHE B 236 -4.80 16.21 -22.58
CA PHE B 236 -6.17 16.72 -22.55
C PHE B 236 -6.21 18.23 -22.79
N LEU B 237 -5.24 18.96 -22.24
CA LEU B 237 -5.20 20.41 -22.31
C LEU B 237 -4.54 20.95 -23.59
N PHE B 238 -3.89 20.09 -24.37
CA PHE B 238 -3.16 20.58 -25.54
C PHE B 238 -4.12 21.06 -26.62
N ASP B 239 -3.90 22.29 -27.08
CA ASP B 239 -4.70 22.86 -28.17
C ASP B 239 -3.77 23.81 -28.93
N ALA B 240 -3.25 23.36 -30.07
CA ALA B 240 -2.30 24.18 -30.83
C ALA B 240 -2.94 25.47 -31.34
N ASP B 241 -4.27 25.56 -31.38
CA ASP B 241 -4.97 26.75 -31.81
C ASP B 241 -5.70 27.44 -30.65
N PHE B 242 -5.20 27.27 -29.42
CA PHE B 242 -5.92 27.78 -28.26
C PHE B 242 -6.22 29.27 -28.39
N ASP B 243 -5.26 30.07 -28.86
CA ASP B 243 -5.48 31.51 -28.92
C ASP B 243 -6.63 31.85 -29.85
N ALA B 244 -6.62 31.31 -31.07
CA ALA B 244 -7.70 31.55 -32.02
C ALA B 244 -9.03 31.06 -31.46
N ASN B 245 -9.02 29.91 -30.79
CA ASN B 245 -10.25 29.38 -30.20
C ASN B 245 -10.75 30.26 -29.07
N LEU B 246 -9.82 30.82 -28.28
CA LEU B 246 -10.24 31.67 -27.18
C LEU B 246 -10.86 32.97 -27.68
N THR B 247 -10.33 33.53 -28.77
CA THR B 247 -10.92 34.76 -29.31
C THR B 247 -12.31 34.48 -29.88
N GLN B 248 -12.49 33.33 -30.54
CA GLN B 248 -13.81 32.95 -31.04
C GLN B 248 -14.80 32.80 -29.89
N LEU B 249 -14.37 32.21 -28.79
CA LEU B 249 -15.24 32.08 -27.63
C LEU B 249 -15.70 33.44 -27.13
N GLU B 250 -14.78 34.41 -27.12
CA GLU B 250 -15.15 35.78 -26.74
C GLU B 250 -16.06 36.42 -27.78
N THR B 251 -15.88 36.10 -29.05
CA THR B 251 -16.72 36.69 -30.10
C THR B 251 -18.11 36.06 -30.11
N SER B 252 -18.17 34.73 -30.21
CA SER B 252 -19.45 34.04 -30.31
C SER B 252 -20.21 34.05 -28.99
N VAL B 253 -19.53 33.68 -27.90
CA VAL B 253 -20.11 33.64 -26.58
C VAL B 253 -19.58 34.83 -25.78
N GLY B 254 -20.19 35.10 -24.64
CA GLY B 254 -19.71 36.09 -23.71
C GLY B 254 -19.01 35.43 -22.56
N ILE B 255 -17.74 35.75 -22.36
CA ILE B 255 -17.00 35.30 -21.19
C ILE B 255 -16.39 36.51 -20.49
N SER B 256 -16.33 36.44 -19.17
CA SER B 256 -15.81 37.52 -18.35
C SER B 256 -14.29 37.47 -18.29
N ALA B 257 -13.70 38.56 -17.79
CA ALA B 257 -12.25 38.60 -17.61
C ALA B 257 -11.78 37.54 -16.64
N ILE B 258 -12.62 37.14 -15.68
CA ILE B 258 -12.23 36.11 -14.72
C ILE B 258 -12.26 34.74 -15.39
N GLU B 259 -13.25 34.50 -16.25
CA GLU B 259 -13.28 33.26 -17.04
C GLU B 259 -12.11 33.20 -18.02
N LYS B 260 -11.95 34.24 -18.84
CA LYS B 260 -10.81 34.30 -19.75
C LYS B 260 -9.50 34.04 -19.04
N ARG B 261 -9.32 34.63 -17.85
CA ARG B 261 -8.10 34.44 -17.08
C ARG B 261 -7.93 33.00 -16.66
N ASN B 262 -9.01 32.36 -16.22
CA ASN B 262 -8.91 30.96 -15.81
C ASN B 262 -8.52 30.06 -16.98
N TYR B 263 -9.07 30.33 -18.18
CA TYR B 263 -8.80 29.45 -19.31
C TYR B 263 -7.36 29.58 -19.79
N GLN B 264 -6.81 30.81 -19.82
CA GLN B 264 -5.40 30.96 -20.10
C GLN B 264 -4.54 30.27 -19.03
N ALA B 265 -4.97 30.36 -17.77
CA ALA B 265 -4.22 29.67 -16.71
C ALA B 265 -4.23 28.16 -16.92
N MET B 266 -5.35 27.61 -17.39
CA MET B 266 -5.39 26.17 -17.64
C MET B 266 -4.47 25.78 -18.80
N ARG B 267 -4.49 26.57 -19.89
CA ARG B 267 -3.53 26.34 -20.97
C ARG B 267 -2.10 26.37 -20.45
N ASN B 268 -1.76 27.39 -19.66
CA ASN B 268 -0.38 27.54 -19.18
C ASN B 268 -0.03 26.43 -18.19
N PHE B 269 -1.01 25.95 -17.45
CA PHE B 269 -0.80 24.81 -16.56
C PHE B 269 -0.46 23.56 -17.36
N GLY B 270 -1.15 23.33 -18.48
CA GLY B 270 -0.81 22.21 -19.34
C GLY B 270 0.62 22.28 -19.85
N ALA B 271 1.05 23.48 -20.25
CA ALA B 271 2.45 23.66 -20.68
C ALA B 271 3.41 23.37 -19.54
N ALA B 272 3.07 23.77 -18.31
CA ALA B 272 3.94 23.53 -17.17
C ALA B 272 4.09 22.04 -16.89
N LEU B 273 3.02 21.27 -17.07
CA LEU B 273 3.12 19.82 -16.94
C LEU B 273 4.06 19.24 -18.00
N GLU B 274 4.03 19.79 -19.21
CA GLU B 274 4.93 19.33 -20.26
C GLU B 274 6.39 19.61 -19.92
N ARG B 275 6.66 20.74 -19.25
CA ARG B 275 8.02 21.03 -18.82
C ARG B 275 8.41 20.26 -17.56
N LYS B 276 7.44 19.60 -16.93
CA LYS B 276 7.63 18.77 -15.74
C LYS B 276 8.09 19.57 -14.52
N ILE B 277 7.79 20.88 -14.48
CA ILE B 277 8.13 21.62 -13.27
C ILE B 277 7.25 21.17 -12.11
N LEU B 278 6.09 20.60 -12.40
CA LEU B 278 5.26 19.94 -11.39
C LEU B 278 4.64 18.70 -12.02
N SER B 279 4.16 17.81 -11.16
CA SER B 279 3.52 16.56 -11.56
C SER B 279 2.12 16.56 -11.01
N TYR B 280 1.18 16.09 -11.82
CA TYR B 280 -0.21 15.92 -11.40
C TYR B 280 -0.36 14.49 -10.92
N VAL B 281 -0.59 14.30 -9.62
CA VAL B 281 -0.49 12.97 -9.01
C VAL B 281 -1.77 12.71 -8.23
N LEU B 282 -2.30 11.49 -8.35
CA LEU B 282 -3.45 11.03 -7.58
C LEU B 282 -2.96 10.19 -6.42
N PHE B 283 -3.32 10.56 -5.18
CA PHE B 283 -2.85 9.90 -3.97
C PHE B 283 -4.00 9.08 -3.39
N ILE B 284 -3.77 7.78 -3.17
CA ILE B 284 -4.73 6.92 -2.47
C ILE B 284 -4.06 6.52 -1.18
N ALA B 285 -4.53 7.07 -0.06
CA ALA B 285 -3.92 6.87 1.24
C ALA B 285 -4.95 6.33 2.22
N GLN B 286 -4.46 5.74 3.31
CA GLN B 286 -5.30 5.27 4.40
C GLN B 286 -4.71 5.67 5.74
N LYS B 287 -5.60 5.95 6.69
CA LYS B 287 -5.19 6.22 8.05
C LYS B 287 -4.70 4.90 8.66
N ASP B 288 -3.46 4.90 9.16
CA ASP B 288 -2.86 3.67 9.69
C ASP B 288 -2.02 4.03 10.92
N SER B 289 -2.57 3.78 12.10
CA SER B 289 -1.91 4.08 13.36
C SER B 289 -1.03 2.94 13.88
N HIS B 290 -0.94 1.82 13.17
CA HIS B 290 -0.26 0.64 13.67
C HIS B 290 1.04 0.33 12.94
N VAL B 291 1.32 0.99 11.84
N VAL B 291 1.30 0.98 11.82
CA VAL B 291 2.58 0.79 11.13
CA VAL B 291 2.59 0.85 11.13
C VAL B 291 3.67 1.61 11.83
C VAL B 291 3.67 1.60 11.91
N ARG B 292 4.89 1.08 11.88
CA ARG B 292 6.01 1.79 12.50
C ARG B 292 6.35 3.04 11.71
N SER B 293 6.69 4.13 12.41
CA SER B 293 6.82 5.41 11.72
C SER B 293 8.00 5.42 10.75
N THR B 294 9.06 4.66 11.06
CA THR B 294 10.16 4.56 10.09
C THR B 294 9.70 3.82 8.83
N TYR B 295 8.93 2.74 9.01
CA TYR B 295 8.44 2.01 7.85
C TYR B 295 7.40 2.83 7.07
N LEU B 296 6.59 3.61 7.76
CA LEU B 296 5.62 4.48 7.09
C LEU B 296 6.31 5.45 6.14
N ARG B 297 7.46 6.00 6.55
CA ARG B 297 8.18 6.93 5.70
C ARG B 297 8.79 6.21 4.51
N HIS B 298 9.23 4.96 4.71
CA HIS B 298 9.78 4.17 3.61
C HIS B 298 8.73 3.93 2.54
N ILE B 299 7.53 3.49 2.94
N ILE B 299 7.52 3.53 2.94
CA ILE B 299 6.48 3.17 1.98
CA ILE B 299 6.55 3.16 1.91
C ILE B 299 6.03 4.45 1.28
C ILE B 299 5.90 4.40 1.30
N ASN B 300 5.82 5.51 2.04
CA ASN B 300 5.35 6.76 1.42
C ASN B 300 6.38 7.32 0.47
N GLN B 301 7.66 7.24 0.83
CA GLN B 301 8.69 7.69 -0.10
C GLN B 301 8.69 6.87 -1.37
N LYS B 302 8.43 5.56 -1.27
CA LYS B 302 8.39 4.72 -2.47
C LYS B 302 7.35 5.25 -3.47
N TRP B 303 6.15 5.59 -2.98
CA TRP B 303 5.08 5.98 -3.89
C TRP B 303 5.22 7.42 -4.38
N VAL B 304 5.70 8.33 -3.54
CA VAL B 304 5.88 9.72 -3.94
C VAL B 304 7.04 9.87 -4.93
N GLU B 305 8.13 9.11 -4.73
CA GLU B 305 9.26 9.18 -5.63
C GLU B 305 9.09 8.29 -6.86
N ALA B 306 8.30 7.23 -6.78
CA ALA B 306 8.08 6.34 -7.92
C ALA B 306 6.60 6.08 -8.09
N PRO B 307 5.82 7.08 -8.51
CA PRO B 307 4.39 6.86 -8.70
C PRO B 307 4.16 5.98 -9.90
N ALA B 308 3.04 5.28 -9.88
CA ALA B 308 2.66 4.43 -11.01
C ALA B 308 2.31 5.31 -12.20
N PRO B 309 2.84 5.02 -13.40
CA PRO B 309 2.40 5.74 -14.58
C PRO B 309 0.97 5.34 -14.92
N TYR B 310 0.13 6.34 -15.22
CA TYR B 310 -1.24 6.06 -15.62
C TYR B 310 -1.28 5.13 -16.84
N ALA B 311 -0.32 5.26 -17.76
CA ALA B 311 -0.31 4.49 -18.99
C ALA B 311 -0.17 2.99 -18.75
N ALA B 312 0.47 2.59 -17.64
CA ALA B 312 0.60 1.17 -17.34
C ALA B 312 -0.70 0.54 -16.83
N ARG B 313 -1.80 1.29 -16.85
CA ARG B 313 -3.08 0.82 -16.29
C ARG B 313 -3.90 0.10 -17.35
N GLU B 314 -4.62 -0.93 -16.91
CA GLU B 314 -5.52 -1.69 -17.78
C GLU B 314 -6.87 -1.88 -17.11
N SAH C . 8.68 -21.40 9.89
CA SAH C . 8.80 -22.49 10.85
CB SAH C . 9.25 -23.77 10.15
CG SAH C . 8.81 -23.94 8.69
SD SAH C . 7.29 -24.93 8.43
C SAH C . 9.78 -22.13 11.96
O SAH C . 10.14 -20.97 12.15
OXT SAH C . 10.25 -23.00 12.69
C5' SAH C . 7.53 -25.89 9.93
C4' SAH C . 6.44 -25.64 10.98
O4' SAH C . 5.20 -25.39 10.37
C3' SAH C . 6.28 -26.86 11.87
O3' SAH C . 6.10 -26.42 13.19
C2' SAH C . 4.99 -27.49 11.37
O2' SAH C . 4.31 -28.21 12.38
C1' SAH C . 4.23 -26.23 10.96
N9 SAH C . 3.08 -26.52 10.09
C8 SAH C . 3.07 -27.01 8.81
N7 SAH C . 1.78 -27.12 8.42
C5 SAH C . 0.98 -26.72 9.45
C6 SAH C . -0.40 -26.62 9.61
N6 SAH C . -1.24 -26.98 8.63
N1 SAH C . -0.90 -26.17 10.81
C2 SAH C . -0.06 -25.79 11.83
N3 SAH C . 1.30 -25.88 11.66
C4 SAH C . 1.80 -26.35 10.50
N SAH D . -12.80 19.78 -5.90
CA SAH D . -13.11 21.11 -6.42
CB SAH D . -11.85 21.79 -6.92
CG SAH D . -11.80 23.30 -6.80
SD SAH D . -10.53 23.84 -5.62
C SAH D . -14.14 21.02 -7.54
O SAH D . -14.76 22.03 -7.89
OXT SAH D . -14.38 19.96 -8.12
C5' SAH D . -11.67 25.15 -5.15
C4' SAH D . -12.61 24.70 -4.06
O4' SAH D . -11.86 24.35 -2.90
C3' SAH D . -13.52 25.86 -3.71
O3' SAH D . -14.80 25.39 -3.43
C2' SAH D . -12.88 26.41 -2.45
O2' SAH D . -13.81 27.08 -1.65
C1' SAH D . -12.34 25.13 -1.82
N9 SAH D . -11.33 25.47 -0.81
C8 SAH D . -10.11 26.08 -0.99
N7 SAH D . -9.55 26.22 0.24
C5 SAH D . -10.40 25.74 1.18
C6 SAH D . -10.31 25.64 2.55
N6 SAH D . -9.24 26.09 3.20
N1 SAH D . -11.35 25.08 3.25
C2 SAH D . -12.48 24.60 2.59
N3 SAH D . -12.56 24.71 1.22
C4 SAH D . -11.52 25.26 0.53
CL CL E . -7.62 28.03 0.53
#